data_8XLQ
#
_entry.id   8XLQ
#
_cell.length_a   41.880
_cell.length_b   61.100
_cell.length_c   61.060
_cell.angle_alpha   90.000
_cell.angle_beta   97.980
_cell.angle_gamma   90.000
#
_symmetry.space_group_name_H-M   'P 1 21 1'
#
loop_
_entity.id
_entity.type
_entity.pdbx_description
1 polymer 'Fibroblast growth factor receptor 4'
2 non-polymer CXF007
3 non-polymer 'SULFATE ION'
4 water water
#
_entity_poly.entity_id   1
_entity_poly.type   'polypeptide(L)'
_entity_poly.pdbx_seq_one_letter_code
;GPLLAGLVSLDLPLDPLWEFPRDRLVLGKPLGEGCFGQVVRAEAFGMDPARPDQASTVAVKMLKDNASDKDLADLVSEME
VMKLIGRHKNIINLLGVCTQEGPLYVIVECAAKGNLREFLRARRPPGPDLSPDGPRSSEGPLSFPVLVSCAYQVARGMQY
LESRKCIHRDLAARNVLVTEDNVMKIADFGLARGVHHIDYYKKTSNGRLPVKWMAPEALFDEVYTHQSDVWSFGILLWEI
FTLGGSPYPGIPVEELFSLLREGHRMDRPPHCPPELYGLMRECWHAAPSQRPTFKQLVEALDKVLLAVSEE
;
_entity_poly.pdbx_strand_id   A
#
# COMPACT_ATOMS: atom_id res chain seq x y z
N ASP A 11 -6.50 15.51 -28.30
CA ASP A 11 -5.54 15.53 -27.19
C ASP A 11 -6.23 15.04 -25.91
N LEU A 12 -5.99 15.74 -24.81
CA LEU A 12 -6.70 15.46 -23.58
C LEU A 12 -7.39 16.74 -23.15
N PRO A 13 -8.62 16.62 -22.64
CA PRO A 13 -9.34 17.81 -22.18
C PRO A 13 -8.60 18.50 -21.05
N LEU A 14 -8.78 19.82 -20.92
CA LEU A 14 -8.15 20.60 -19.87
C LEU A 14 -9.05 20.65 -18.65
N ASP A 15 -8.48 20.32 -17.49
CA ASP A 15 -9.21 20.37 -16.23
C ASP A 15 -8.53 21.38 -15.32
N PRO A 16 -9.00 22.63 -15.34
CA PRO A 16 -8.42 23.75 -14.58
C PRO A 16 -8.38 23.49 -13.08
N LEU A 17 -9.23 22.58 -12.62
CA LEU A 17 -9.25 22.24 -11.21
C LEU A 17 -7.98 21.49 -10.83
N TRP A 18 -7.44 20.71 -11.77
CA TRP A 18 -6.28 19.88 -11.48
C TRP A 18 -5.00 20.22 -12.24
N GLU A 19 -5.14 20.91 -13.37
CA GLU A 19 -3.98 21.18 -14.23
C GLU A 19 -2.91 22.05 -13.52
N PHE A 20 -1.66 21.58 -13.59
CA PHE A 20 -0.50 22.23 -12.99
C PHE A 20 0.53 22.49 -14.09
N PRO A 21 1.09 23.72 -14.13
CA PRO A 21 2.01 24.02 -15.22
C PRO A 21 3.28 23.17 -15.11
N ARG A 22 3.65 22.49 -16.18
CA ARG A 22 4.71 21.49 -16.10
C ARG A 22 6.07 22.12 -15.88
N ASP A 23 6.22 23.40 -16.26
CA ASP A 23 7.46 24.11 -16.03
C ASP A 23 7.70 24.40 -14.56
N ARG A 24 6.69 24.19 -13.72
CA ARG A 24 6.83 24.35 -12.28
C ARG A 24 7.32 23.07 -11.59
N LEU A 25 7.67 22.07 -12.41
CA LEU A 25 8.25 20.82 -11.95
C LEU A 25 9.72 20.71 -12.33
N VAL A 26 10.52 20.21 -11.41
CA VAL A 26 11.86 19.78 -11.77
C VAL A 26 11.95 18.29 -11.46
N LEU A 27 11.98 17.47 -12.51
CA LEU A 27 12.04 16.02 -12.34
C LEU A 27 13.38 15.61 -11.74
N GLY A 28 13.33 14.67 -10.83
CA GLY A 28 14.51 14.20 -10.13
C GLY A 28 14.68 12.68 -10.17
N LYS A 29 15.04 12.11 -9.03
CA LYS A 29 15.40 10.70 -8.93
C LYS A 29 14.25 9.72 -9.24
N PRO A 30 14.50 8.76 -10.12
CA PRO A 30 13.50 7.71 -10.41
C PRO A 30 13.23 6.89 -9.15
N LEU A 31 11.97 6.62 -8.86
CA LEU A 31 11.61 5.91 -7.64
C LEU A 31 11.34 4.43 -7.93
N GLY A 32 11.37 4.08 -9.22
CA GLY A 32 11.21 2.71 -9.64
C GLY A 32 10.02 2.51 -10.56
N GLU A 33 9.77 1.27 -10.92
CA GLU A 33 8.63 0.90 -11.75
C GLU A 33 7.31 1.00 -10.98
N GLY A 34 6.48 1.98 -11.33
CA GLY A 34 5.10 2.02 -10.85
C GLY A 34 4.31 1.10 -11.75
N CYS A 35 3.08 0.76 -11.36
CA CYS A 35 2.28 -0.23 -12.11
C CYS A 35 2.11 0.18 -13.56
N PHE A 36 1.56 1.38 -13.74
CA PHE A 36 1.16 1.85 -15.05
C PHE A 36 2.04 2.83 -15.82
N GLY A 37 3.34 2.73 -15.58
CA GLY A 37 4.32 3.75 -15.89
C GLY A 37 5.37 3.88 -14.80
N GLN A 38 6.27 4.83 -14.98
CA GLN A 38 7.37 5.00 -14.06
C GLN A 38 7.11 6.20 -13.16
N VAL A 39 7.71 6.17 -11.98
CA VAL A 39 7.50 7.23 -11.00
C VAL A 39 8.81 7.88 -10.63
N VAL A 40 8.80 9.21 -10.65
CA VAL A 40 9.98 9.99 -10.40
C VAL A 40 9.71 10.95 -9.23
N ARG A 41 10.67 11.09 -8.32
CA ARG A 41 10.62 12.15 -7.32
C ARG A 41 10.78 13.47 -8.08
N ALA A 42 10.16 14.56 -7.60
CA ALA A 42 10.32 15.86 -8.25
C ALA A 42 10.11 17.01 -7.28
N GLU A 43 10.65 18.17 -7.62
CA GLU A 43 10.34 19.41 -6.93
C GLU A 43 9.23 20.14 -7.67
N ALA A 44 8.25 20.62 -6.93
CA ALA A 44 7.17 21.44 -7.48
C ALA A 44 7.21 22.81 -6.82
N PHE A 45 7.14 23.86 -7.64
CA PHE A 45 7.07 25.23 -7.13
C PHE A 45 5.67 25.78 -7.22
N GLY A 46 5.12 26.17 -6.08
CA GLY A 46 3.80 26.76 -6.07
C GLY A 46 2.66 25.76 -6.15
N MET A 47 2.85 24.55 -5.62
CA MET A 47 1.74 23.59 -5.59
C MET A 47 0.60 24.24 -4.78
N ASP A 48 0.97 24.89 -3.70
CA ASP A 48 0.11 25.85 -3.00
C ASP A 48 0.12 27.17 -3.76
N PRO A 49 -1.00 27.50 -4.43
CA PRO A 49 -1.04 28.75 -5.22
C PRO A 49 -0.82 30.00 -4.38
N ALA A 50 -0.99 29.90 -3.07
CA ALA A 50 -0.76 31.07 -2.21
C ALA A 50 0.72 31.27 -1.92
N ARG A 51 1.53 30.27 -2.25
CA ARG A 51 2.97 30.36 -2.07
C ARG A 51 3.66 29.95 -3.37
N PRO A 52 3.52 30.77 -4.44
CA PRO A 52 3.90 30.39 -5.80
C PRO A 52 5.38 30.04 -5.95
N ASP A 53 6.25 30.51 -5.06
CA ASP A 53 7.66 30.20 -5.20
C ASP A 53 8.15 29.18 -4.17
N GLN A 54 7.22 28.58 -3.43
CA GLN A 54 7.57 27.58 -2.44
C GLN A 54 7.84 26.21 -3.08
N ALA A 55 8.99 25.60 -2.75
CA ALA A 55 9.31 24.26 -3.20
C ALA A 55 8.62 23.21 -2.32
N SER A 56 8.25 22.11 -2.93
CA SER A 56 7.77 20.93 -2.19
C SER A 56 8.21 19.69 -2.96
N THR A 57 8.37 18.57 -2.26
CA THR A 57 8.78 17.34 -2.94
C THR A 57 7.53 16.53 -3.25
N VAL A 58 7.39 16.13 -4.50
CA VAL A 58 6.22 15.39 -4.95
C VAL A 58 6.70 14.13 -5.72
N ALA A 59 5.75 13.28 -6.05
CA ALA A 59 6.01 12.10 -6.84
C ALA A 59 5.24 12.23 -8.14
N VAL A 60 5.90 11.94 -9.26
CA VAL A 60 5.28 12.12 -10.57
C VAL A 60 5.26 10.82 -11.32
N LYS A 61 4.07 10.33 -11.66
CA LYS A 61 3.94 9.14 -12.48
C LYS A 61 3.79 9.55 -13.96
N MET A 62 4.50 8.87 -14.85
CA MET A 62 4.47 9.18 -16.28
C MET A 62 4.55 7.90 -17.13
N LEU A 63 4.19 7.95 -18.40
CA LEU A 63 4.33 6.78 -19.26
C LEU A 63 5.79 6.34 -19.43
N LYS A 64 6.04 5.03 -19.39
CA LYS A 64 7.35 4.50 -19.73
C LYS A 64 7.72 4.83 -21.19
N ASP A 65 8.99 4.62 -21.56
CA ASP A 65 9.43 4.90 -22.92
C ASP A 65 8.76 3.92 -23.92
N ASN A 66 8.43 4.44 -25.09
CA ASN A 66 7.74 3.68 -26.12
C ASN A 66 6.54 2.91 -25.55
N ALA A 67 5.60 3.66 -24.97
CA ALA A 67 4.40 3.08 -24.40
C ALA A 67 3.28 2.97 -25.43
N SER A 68 2.37 2.02 -25.24
CA SER A 68 1.28 1.80 -26.19
C SER A 68 0.13 2.78 -25.98
N ASP A 69 -0.89 2.71 -26.81
CA ASP A 69 -2.07 3.54 -26.62
C ASP A 69 -2.89 3.04 -25.42
N LYS A 70 -2.67 1.76 -25.09
CA LYS A 70 -3.29 1.12 -23.93
C LYS A 70 -2.68 1.61 -22.63
N ASP A 71 -1.35 1.74 -22.61
CA ASP A 71 -0.65 2.25 -21.43
C ASP A 71 -1.12 3.67 -21.13
N LEU A 72 -1.34 4.47 -22.17
CA LEU A 72 -1.89 5.81 -22.00
C LEU A 72 -3.29 5.74 -21.39
N ALA A 73 -4.11 4.81 -21.90
CA ALA A 73 -5.46 4.62 -21.38
C ALA A 73 -5.45 4.25 -19.90
N ASP A 74 -4.57 3.33 -19.52
CA ASP A 74 -4.45 2.91 -18.12
C ASP A 74 -4.09 4.10 -17.23
N LEU A 75 -3.03 4.84 -17.59
CA LEU A 75 -2.61 5.94 -16.74
C LEU A 75 -3.71 7.00 -16.64
N VAL A 76 -4.34 7.32 -17.76
CA VAL A 76 -5.42 8.31 -17.76
C VAL A 76 -6.59 7.86 -16.87
N SER A 77 -6.87 6.56 -16.83
CA SER A 77 -7.95 6.06 -15.99
C SER A 77 -7.52 6.08 -14.51
N GLU A 78 -6.24 5.81 -14.24
CA GLU A 78 -5.78 5.95 -12.88
C GLU A 78 -5.89 7.41 -12.40
N MET A 79 -5.65 8.35 -13.31
CA MET A 79 -5.73 9.78 -13.00
C MET A 79 -7.16 10.17 -12.67
N GLU A 80 -8.09 9.63 -13.46
CA GLU A 80 -9.49 9.96 -13.28
C GLU A 80 -10.04 9.33 -11.99
N VAL A 81 -9.59 8.12 -11.67
CA VAL A 81 -9.94 7.52 -10.37
C VAL A 81 -9.54 8.43 -9.21
N MET A 82 -8.30 8.93 -9.26
CA MET A 82 -7.76 9.74 -8.17
C MET A 82 -8.47 11.06 -8.04
N LYS A 83 -8.94 11.60 -9.15
CA LYS A 83 -9.76 12.81 -9.09
C LYS A 83 -11.05 12.52 -8.30
N LEU A 84 -11.62 11.34 -8.53
CA LEU A 84 -12.94 11.01 -7.99
C LEU A 84 -12.93 10.65 -6.51
N ILE A 85 -11.92 9.91 -6.04
CA ILE A 85 -11.97 9.34 -4.70
C ILE A 85 -11.79 10.38 -3.59
N GLY A 86 -11.32 11.57 -3.93
CA GLY A 86 -11.19 12.62 -2.94
C GLY A 86 -10.01 12.40 -2.01
N ARG A 87 -9.95 13.21 -0.97
CA ARG A 87 -8.76 13.29 -0.14
C ARG A 87 -8.92 12.59 1.20
N HIS A 88 -7.88 11.86 1.61
CA HIS A 88 -7.83 11.26 2.94
C HIS A 88 -6.40 11.15 3.47
N LYS A 89 -6.22 11.30 4.77
CA LYS A 89 -4.92 11.22 5.40
C LYS A 89 -4.12 9.95 5.09
N ASN A 90 -4.82 8.84 4.93
CA ASN A 90 -4.14 7.54 4.86
C ASN A 90 -4.16 6.94 3.46
N ILE A 91 -4.27 7.80 2.46
CA ILE A 91 -4.04 7.36 1.09
C ILE A 91 -3.06 8.34 0.43
N ILE A 92 -2.40 7.86 -0.62
CA ILE A 92 -1.67 8.76 -1.54
C ILE A 92 -2.67 9.64 -2.28
N ASN A 93 -2.55 10.95 -2.08
CA ASN A 93 -3.50 11.88 -2.66
C ASN A 93 -2.99 12.53 -3.94
N LEU A 94 -3.90 12.78 -4.87
CA LEU A 94 -3.61 13.49 -6.09
C LEU A 94 -3.31 14.97 -5.79
N LEU A 95 -2.24 15.50 -6.37
CA LEU A 95 -1.88 16.91 -6.16
C LEU A 95 -2.13 17.72 -7.43
N GLY A 96 -1.96 17.08 -8.58
CA GLY A 96 -2.16 17.77 -9.82
C GLY A 96 -1.74 16.94 -11.01
N VAL A 97 -1.95 17.51 -12.21
CA VAL A 97 -1.70 16.81 -13.46
C VAL A 97 -1.17 17.76 -14.51
N CYS A 98 -0.40 17.22 -15.44
CA CYS A 98 0.06 17.98 -16.61
C CYS A 98 -0.38 17.21 -17.83
N THR A 99 -1.39 17.72 -18.50
CA THR A 99 -1.98 17.03 -19.64
C THR A 99 -1.82 17.81 -20.93
N GLN A 100 -1.33 19.03 -20.85
CA GLN A 100 -1.32 19.92 -22.02
C GLN A 100 0.09 20.22 -22.49
N GLU A 101 0.29 20.20 -23.81
CA GLU A 101 1.54 20.62 -24.42
C GLU A 101 2.76 19.91 -23.85
N GLY A 102 2.71 18.59 -23.85
CA GLY A 102 3.80 17.80 -23.33
C GLY A 102 3.31 16.46 -22.81
N PRO A 103 4.24 15.65 -22.29
CA PRO A 103 3.93 14.32 -21.79
C PRO A 103 2.99 14.32 -20.56
N LEU A 104 2.18 13.27 -20.46
CA LEU A 104 1.23 13.14 -19.37
C LEU A 104 1.95 12.92 -18.04
N TYR A 105 1.71 13.81 -17.09
CA TYR A 105 2.21 13.69 -15.74
C TYR A 105 1.04 13.60 -14.75
N VAL A 106 1.15 12.68 -13.79
CA VAL A 106 0.19 12.59 -12.69
C VAL A 106 0.98 12.81 -11.41
N ILE A 107 0.72 13.95 -10.78
CA ILE A 107 1.50 14.41 -9.63
C ILE A 107 0.80 14.06 -8.33
N VAL A 108 1.49 13.32 -7.47
CA VAL A 108 0.89 12.86 -6.20
C VAL A 108 1.83 13.11 -5.05
N GLU A 109 1.33 12.84 -3.84
CA GLU A 109 2.14 13.03 -2.64
C GLU A 109 3.35 12.10 -2.66
N CYS A 110 4.46 12.57 -2.11
CA CYS A 110 5.67 11.75 -2.00
C CYS A 110 5.94 11.46 -0.52
N ALA A 111 6.04 10.18 -0.19
CA ALA A 111 6.21 9.73 1.18
C ALA A 111 7.66 9.50 1.44
N ALA A 112 8.23 10.25 2.38
CA ALA A 112 9.68 10.25 2.59
C ALA A 112 10.28 8.87 2.85
N LYS A 113 9.60 7.99 3.59
CA LYS A 113 10.29 6.79 4.03
C LYS A 113 10.08 5.53 3.14
N GLY A 114 9.40 5.66 2.00
CA GLY A 114 9.28 4.52 1.10
C GLY A 114 8.14 3.59 1.51
N ASN A 115 8.15 2.33 1.07
CA ASN A 115 6.97 1.50 1.34
C ASN A 115 7.04 0.78 2.71
N LEU A 116 5.88 0.35 3.18
CA LEU A 116 5.81 -0.17 4.55
C LEU A 116 6.65 -1.44 4.74
N ARG A 117 6.73 -2.29 3.71
CA ARG A 117 7.50 -3.51 3.86
C ARG A 117 8.99 -3.22 4.06
N GLU A 118 9.55 -2.38 3.20
CA GLU A 118 10.94 -1.96 3.38
C GLU A 118 11.18 -1.22 4.69
N PHE A 119 10.23 -0.35 5.05
CA PHE A 119 10.30 0.41 6.30
C PHE A 119 10.46 -0.53 7.52
N LEU A 120 9.65 -1.59 7.54
CA LEU A 120 9.70 -2.58 8.62
C LEU A 120 10.98 -3.42 8.57
N ARG A 121 11.35 -3.89 7.38
CA ARG A 121 12.53 -4.75 7.27
C ARG A 121 13.82 -4.03 7.67
N ALA A 122 13.88 -2.73 7.41
CA ALA A 122 15.06 -1.93 7.73
C ALA A 122 15.17 -1.62 9.23
N ARG A 123 14.07 -1.81 9.97
CA ARG A 123 13.99 -1.42 11.38
C ARG A 123 13.82 -2.63 12.27
N ARG A 124 14.31 -3.77 11.84
CA ARG A 124 14.24 -4.98 12.64
C ARG A 124 15.21 -4.80 13.80
N PRO A 125 14.89 -5.40 14.94
CA PRO A 125 15.75 -5.22 16.12
C PRO A 125 17.15 -5.79 15.89
N PRO A 126 18.14 -5.31 16.64
CA PRO A 126 19.46 -5.93 16.58
C PRO A 126 19.43 -7.31 17.25
N GLY A 127 19.95 -8.34 16.59
CA GLY A 127 20.10 -9.64 17.22
C GLY A 127 21.20 -9.60 18.27
N PRO A 128 21.37 -10.67 19.05
CA PRO A 128 22.46 -10.68 20.02
C PRO A 128 23.80 -10.91 19.33
N ASP A 129 24.14 -9.99 18.44
CA ASP A 129 25.26 -10.15 17.54
C ASP A 129 26.28 -9.05 17.80
N LEU A 130 25.77 -7.85 18.07
CA LEU A 130 26.60 -6.67 18.34
C LEU A 130 26.84 -6.44 19.83
N SER A 131 27.82 -5.59 20.15
CA SER A 131 28.16 -5.28 21.53
C SER A 131 27.17 -4.31 22.14
N PRO A 132 26.80 -4.54 23.41
CA PRO A 132 25.99 -3.56 24.16
C PRO A 132 26.81 -2.25 24.11
N ASP A 133 26.26 -1.26 23.43
CA ASP A 133 26.79 0.10 23.46
C ASP A 133 25.65 1.09 23.73
N GLY A 134 25.59 1.58 24.95
CA GLY A 134 24.53 2.49 25.36
C GLY A 134 23.48 1.78 26.19
N PRO A 135 22.56 2.55 26.80
CA PRO A 135 21.51 1.99 27.65
C PRO A 135 20.32 1.43 26.87
N ARG A 136 20.39 1.48 25.54
CA ARG A 136 19.27 1.03 24.71
C ARG A 136 19.70 0.03 23.64
N SER A 137 20.78 -0.72 23.93
CA SER A 137 21.43 -1.57 22.93
C SER A 137 20.50 -2.63 22.36
N SER A 138 19.50 -3.06 23.14
CA SER A 138 18.58 -4.10 22.69
C SER A 138 17.22 -3.53 22.27
N GLU A 139 17.04 -2.23 22.44
CA GLU A 139 15.81 -1.56 22.01
C GLU A 139 15.84 -1.24 20.52
N GLY A 140 14.98 -1.90 19.75
CA GLY A 140 14.88 -1.64 18.32
C GLY A 140 14.01 -0.43 18.03
N PRO A 141 14.00 0.03 16.78
CA PRO A 141 13.25 1.26 16.46
C PRO A 141 11.75 1.08 16.62
N LEU A 142 11.30 -0.16 16.44
CA LEU A 142 9.87 -0.44 16.36
C LEU A 142 9.34 -0.94 17.69
N SER A 143 8.28 -0.32 18.18
CA SER A 143 7.64 -0.76 19.43
C SER A 143 6.24 -1.26 19.11
N PHE A 144 5.65 -2.06 19.99
CA PHE A 144 4.31 -2.60 19.75
C PHE A 144 3.24 -1.52 19.42
N PRO A 145 3.16 -0.43 20.20
CA PRO A 145 2.10 0.53 19.87
C PRO A 145 2.25 1.18 18.50
N VAL A 146 3.48 1.36 18.02
CA VAL A 146 3.67 1.93 16.69
C VAL A 146 3.29 0.91 15.59
N LEU A 147 3.56 -0.39 15.81
CA LEU A 147 3.09 -1.41 14.83
C LEU A 147 1.57 -1.43 14.77
N VAL A 148 0.93 -1.37 15.94
CA VAL A 148 -0.53 -1.32 15.96
C VAL A 148 -1.05 -0.06 15.28
N SER A 149 -0.35 1.07 15.44
CA SER A 149 -0.76 2.30 14.76
C SER A 149 -0.68 2.17 13.25
N CYS A 150 0.41 1.61 12.75
CA CYS A 150 0.49 1.26 11.32
C CYS A 150 -0.70 0.43 10.84
N ALA A 151 -1.08 -0.59 11.62
CA ALA A 151 -2.23 -1.42 11.22
C ALA A 151 -3.53 -0.61 11.24
N TYR A 152 -3.73 0.14 12.31
CA TYR A 152 -4.90 1.00 12.44
C TYR A 152 -5.05 2.01 11.27
N GLN A 153 -3.95 2.68 10.93
CA GLN A 153 -3.98 3.68 9.85
C GLN A 153 -4.33 3.06 8.49
N VAL A 154 -3.81 1.87 8.24
CA VAL A 154 -4.14 1.21 6.97
C VAL A 154 -5.62 0.86 6.93
N ALA A 155 -6.13 0.35 8.06
CA ALA A 155 -7.55 0.06 8.17
C ALA A 155 -8.43 1.29 7.95
N ARG A 156 -8.03 2.43 8.52
CA ARG A 156 -8.77 3.70 8.32
C ARG A 156 -8.74 4.14 6.87
N GLY A 157 -7.57 4.04 6.23
CA GLY A 157 -7.48 4.29 4.79
C GLY A 157 -8.38 3.38 3.98
N MET A 158 -8.35 2.09 4.27
CA MET A 158 -9.18 1.12 3.55
C MET A 158 -10.66 1.40 3.75
N GLN A 159 -11.02 1.77 4.98
CA GLN A 159 -12.40 2.13 5.31
C GLN A 159 -12.85 3.34 4.51
N TYR A 160 -11.98 4.33 4.36
CA TYR A 160 -12.30 5.46 3.50
C TYR A 160 -12.50 5.01 2.04
N LEU A 161 -11.50 4.31 1.52
CA LEU A 161 -11.58 3.79 0.17
C LEU A 161 -12.88 2.99 -0.08
N GLU A 162 -13.25 2.13 0.87
CA GLU A 162 -14.48 1.36 0.77
C GLU A 162 -15.72 2.26 0.72
N SER A 163 -15.72 3.31 1.54
CA SER A 163 -16.83 4.27 1.55
C SER A 163 -16.96 4.97 0.19
N ARG A 164 -15.88 4.96 -0.60
CA ARG A 164 -15.93 5.58 -1.91
C ARG A 164 -16.08 4.50 -2.97
N LYS A 165 -16.53 3.32 -2.55
CA LYS A 165 -16.84 2.25 -3.49
C LYS A 165 -15.59 1.82 -4.26
N CYS A 166 -14.45 1.89 -3.58
CA CYS A 166 -13.17 1.52 -4.18
C CYS A 166 -12.64 0.22 -3.59
N ILE A 167 -12.43 -0.76 -4.47
CA ILE A 167 -11.80 -2.01 -4.09
C ILE A 167 -10.34 -1.99 -4.54
N HIS A 168 -9.45 -2.34 -3.63
CA HIS A 168 -8.02 -2.24 -3.90
C HIS A 168 -7.51 -3.38 -4.79
N ARG A 169 -7.76 -4.61 -4.34
CA ARG A 169 -7.43 -5.85 -5.05
C ARG A 169 -5.97 -6.29 -4.99
N ASP A 170 -5.06 -5.43 -4.53
CA ASP A 170 -3.72 -5.91 -4.20
C ASP A 170 -3.11 -5.55 -2.86
N LEU A 171 -3.96 -5.27 -1.88
CA LEU A 171 -3.54 -4.66 -0.63
C LEU A 171 -2.43 -5.49 0.01
N ALA A 172 -1.28 -4.85 0.19
CA ALA A 172 -0.06 -5.52 0.65
C ALA A 172 0.84 -4.43 1.22
N ALA A 173 1.77 -4.80 2.11
CA ALA A 173 2.65 -3.79 2.75
C ALA A 173 3.49 -3.01 1.73
N ARG A 174 3.90 -3.68 0.64
CA ARG A 174 4.67 -3.05 -0.43
C ARG A 174 3.87 -1.91 -1.07
N ASN A 175 2.54 -1.96 -0.93
CA ASN A 175 1.65 -0.98 -1.53
C ASN A 175 1.09 0.04 -0.53
N VAL A 176 1.75 0.12 0.61
CA VAL A 176 1.49 1.19 1.57
C VAL A 176 2.78 1.98 1.72
N LEU A 177 2.69 3.32 1.64
CA LEU A 177 3.86 4.18 1.75
C LEU A 177 3.89 4.86 3.12
N VAL A 178 5.09 5.25 3.57
CA VAL A 178 5.29 5.76 4.93
C VAL A 178 5.90 7.16 4.91
N THR A 179 5.21 8.13 5.52
CA THR A 179 5.66 9.53 5.45
C THR A 179 6.74 9.79 6.47
N GLU A 180 7.29 11.00 6.47
CA GLU A 180 8.32 11.39 7.41
C GLU A 180 7.80 11.28 8.84
N ASP A 181 6.49 11.42 9.01
CA ASP A 181 5.91 11.33 10.35
C ASP A 181 5.26 9.97 10.61
N ASN A 182 5.72 8.94 9.90
CA ASN A 182 5.19 7.59 10.03
C ASN A 182 3.68 7.50 9.88
N VAL A 183 3.14 8.30 8.98
CA VAL A 183 1.75 8.16 8.59
C VAL A 183 1.68 7.14 7.41
N MET A 184 0.73 6.21 7.48
CA MET A 184 0.54 5.24 6.40
C MET A 184 -0.30 5.81 5.27
N LYS A 185 0.12 5.61 4.03
CA LYS A 185 -0.67 6.03 2.89
C LYS A 185 -0.79 4.91 1.88
N ILE A 186 -2.03 4.46 1.69
CA ILE A 186 -2.32 3.38 0.78
C ILE A 186 -2.09 3.89 -0.66
N ALA A 187 -1.37 3.07 -1.43
CA ALA A 187 -1.06 3.39 -2.81
C ALA A 187 -1.80 2.47 -3.77
N ASP A 188 -2.02 2.98 -4.97
CA ASP A 188 -2.46 2.20 -6.14
C ASP A 188 -3.75 1.43 -5.90
N PHE A 189 -4.76 2.19 -5.46
CA PHE A 189 -6.10 1.69 -5.20
C PHE A 189 -6.93 1.73 -6.46
N GLY A 190 -6.45 2.49 -7.44
CA GLY A 190 -7.08 2.55 -8.75
C GLY A 190 -6.12 2.85 -9.89
N GLY A 194 -5.83 -6.07 -14.17
CA GLY A 194 -6.05 -7.12 -15.16
C GLY A 194 -6.33 -8.45 -14.49
N VAL A 195 -7.46 -8.52 -13.80
CA VAL A 195 -7.76 -9.65 -12.94
C VAL A 195 -8.05 -10.94 -13.71
N HIS A 196 -8.26 -10.82 -15.02
CA HIS A 196 -8.61 -11.96 -15.84
C HIS A 196 -7.40 -12.63 -16.49
N HIS A 197 -6.21 -12.14 -16.16
CA HIS A 197 -5.00 -12.74 -16.68
C HIS A 197 -3.82 -13.04 -15.79
N ILE A 198 -4.04 -12.95 -14.48
CA ILE A 198 -2.96 -12.97 -13.50
C ILE A 198 -2.11 -14.24 -13.66
N ASP A 199 -0.80 -14.08 -13.88
CA ASP A 199 0.12 -15.20 -13.78
C ASP A 199 0.32 -15.53 -12.29
N TYR A 200 -0.37 -16.56 -11.77
CA TYR A 200 -0.27 -16.86 -10.33
C TYR A 200 1.14 -17.30 -9.94
N TYR A 201 1.97 -17.71 -10.91
CA TYR A 201 3.35 -18.07 -10.60
C TYR A 201 4.30 -16.89 -10.66
N LYS A 202 3.77 -15.76 -11.06
CA LYS A 202 4.61 -14.57 -11.28
C LYS A 202 5.29 -14.12 -9.99
N LYS A 203 6.62 -14.08 -10.01
CA LYS A 203 7.44 -13.51 -8.95
C LYS A 203 7.94 -12.14 -9.41
N THR A 204 7.74 -11.12 -8.59
CA THR A 204 8.16 -9.76 -8.98
C THR A 204 9.68 -9.65 -8.85
N SER A 205 10.25 -8.56 -9.36
CA SER A 205 11.71 -8.43 -9.37
C SER A 205 12.30 -8.40 -7.96
N ASN A 206 11.49 -8.01 -6.96
CA ASN A 206 11.92 -8.08 -5.57
C ASN A 206 11.54 -9.39 -4.91
N GLY A 207 11.03 -10.34 -5.68
CA GLY A 207 10.79 -11.67 -5.17
C GLY A 207 9.42 -11.92 -4.58
N ARG A 208 8.50 -10.97 -4.78
CA ARG A 208 7.16 -11.08 -4.22
C ARG A 208 6.29 -11.99 -5.07
N LEU A 209 5.47 -12.81 -4.41
CA LEU A 209 4.43 -13.60 -5.09
C LEU A 209 3.04 -13.06 -4.73
N PRO A 210 2.49 -12.17 -5.56
CA PRO A 210 1.23 -11.50 -5.22
C PRO A 210 0.02 -12.41 -5.03
N VAL A 211 0.08 -13.67 -5.52
CA VAL A 211 -1.03 -14.60 -5.28
C VAL A 211 -1.21 -14.83 -3.78
N LYS A 212 -0.16 -14.64 -2.99
CA LYS A 212 -0.23 -14.92 -1.55
C LYS A 212 -1.04 -13.89 -0.74
N TRP A 213 -1.52 -12.85 -1.42
CA TRP A 213 -2.34 -11.83 -0.78
C TRP A 213 -3.80 -11.95 -1.24
N MET A 214 -4.08 -12.83 -2.21
CA MET A 214 -5.41 -12.94 -2.77
C MET A 214 -6.34 -13.76 -1.92
N ALA A 215 -7.56 -13.26 -1.74
CA ALA A 215 -8.62 -14.03 -1.08
C ALA A 215 -8.99 -15.26 -1.94
N PRO A 216 -9.41 -16.36 -1.28
CA PRO A 216 -9.80 -17.59 -1.99
C PRO A 216 -10.82 -17.33 -3.10
N GLU A 217 -11.83 -16.51 -2.82
CA GLU A 217 -12.84 -16.24 -3.83
C GLU A 217 -12.25 -15.50 -5.03
N ALA A 218 -11.27 -14.63 -4.78
CA ALA A 218 -10.61 -13.90 -5.88
C ALA A 218 -9.75 -14.85 -6.69
N LEU A 219 -8.94 -15.63 -5.99
CA LEU A 219 -8.03 -16.56 -6.64
C LEU A 219 -8.80 -17.68 -7.37
N PHE A 220 -9.74 -18.32 -6.68
CA PHE A 220 -10.45 -19.45 -7.27
C PHE A 220 -11.61 -19.05 -8.18
N ASP A 221 -12.35 -18.00 -7.83
CA ASP A 221 -13.58 -17.66 -8.57
C ASP A 221 -13.56 -16.30 -9.27
N GLU A 222 -12.41 -15.62 -9.21
CA GLU A 222 -12.26 -14.29 -9.84
C GLU A 222 -13.31 -13.30 -9.33
N VAL A 223 -13.73 -13.48 -8.08
CA VAL A 223 -14.67 -12.59 -7.43
C VAL A 223 -13.92 -11.66 -6.45
N TYR A 224 -14.08 -10.35 -6.61
CA TYR A 224 -13.50 -9.36 -5.68
C TYR A 224 -14.60 -8.53 -5.05
N THR A 225 -14.53 -8.40 -3.73
CA THR A 225 -15.41 -7.51 -2.98
C THR A 225 -14.57 -6.78 -1.93
N HIS A 226 -15.21 -5.93 -1.13
CA HIS A 226 -14.49 -5.29 -0.03
C HIS A 226 -14.00 -6.34 0.99
N GLN A 227 -14.74 -7.44 1.12
CA GLN A 227 -14.34 -8.50 2.02
C GLN A 227 -13.12 -9.28 1.49
N SER A 228 -12.88 -9.21 0.17
CA SER A 228 -11.65 -9.76 -0.42
C SER A 228 -10.44 -8.97 0.04
N ASP A 229 -10.58 -7.65 0.07
CA ASP A 229 -9.56 -6.74 0.61
C ASP A 229 -9.31 -7.00 2.09
N VAL A 230 -10.37 -7.35 2.82
CA VAL A 230 -10.23 -7.66 4.24
C VAL A 230 -9.30 -8.85 4.44
N TRP A 231 -9.49 -9.90 3.61
CA TRP A 231 -8.54 -11.02 3.59
C TRP A 231 -7.11 -10.54 3.39
N SER A 232 -6.90 -9.74 2.34
CA SER A 232 -5.57 -9.16 2.11
C SER A 232 -5.09 -8.34 3.31
N PHE A 233 -5.98 -7.58 3.92
CA PHE A 233 -5.62 -6.81 5.11
C PHE A 233 -5.06 -7.72 6.18
N GLY A 234 -5.66 -8.91 6.35
CA GLY A 234 -5.16 -9.85 7.32
C GLY A 234 -3.75 -10.32 7.01
N ILE A 235 -3.47 -10.55 5.72
CA ILE A 235 -2.11 -10.85 5.30
C ILE A 235 -1.16 -9.67 5.63
N LEU A 236 -1.62 -8.45 5.37
CA LEU A 236 -0.81 -7.25 5.67
C LEU A 236 -0.58 -7.14 7.18
N LEU A 237 -1.58 -7.50 7.97
CA LEU A 237 -1.39 -7.53 9.43
C LEU A 237 -0.23 -8.44 9.78
N TRP A 238 -0.18 -9.60 9.13
CA TRP A 238 0.88 -10.57 9.38
C TRP A 238 2.26 -10.03 8.94
N GLU A 239 2.30 -9.33 7.81
CA GLU A 239 3.53 -8.66 7.43
C GLU A 239 4.03 -7.70 8.53
N ILE A 240 3.11 -6.91 9.06
CA ILE A 240 3.50 -5.92 10.06
C ILE A 240 4.10 -6.63 11.27
N PHE A 241 3.42 -7.65 11.77
CA PHE A 241 3.84 -8.19 13.05
C PHE A 241 4.94 -9.24 12.90
N THR A 242 5.32 -9.51 11.64
CA THR A 242 6.60 -10.17 11.36
C THR A 242 7.67 -9.14 10.94
N LEU A 243 7.36 -7.85 11.09
CA LEU A 243 8.25 -6.78 10.64
C LEU A 243 8.71 -6.96 9.19
N GLY A 244 7.74 -7.14 8.31
CA GLY A 244 8.05 -7.24 6.89
C GLY A 244 8.39 -8.64 6.36
N GLY A 245 7.87 -9.68 7.02
CA GLY A 245 8.10 -11.04 6.56
C GLY A 245 7.33 -11.40 5.30
N SER A 246 7.81 -12.39 4.56
CA SER A 246 7.09 -12.86 3.37
C SER A 246 6.09 -13.93 3.78
N PRO A 247 4.81 -13.76 3.40
CA PRO A 247 3.76 -14.65 3.89
C PRO A 247 3.92 -16.08 3.34
N TYR A 248 3.26 -17.04 3.98
CA TYR A 248 3.40 -18.47 3.65
C TYR A 248 4.84 -18.85 3.39
N PRO A 249 5.72 -18.66 4.38
CA PRO A 249 7.16 -18.81 4.18
C PRO A 249 7.55 -20.19 3.65
N GLY A 250 8.32 -20.25 2.58
CA GLY A 250 8.82 -21.51 2.07
C GLY A 250 7.81 -22.30 1.27
N ILE A 251 6.64 -21.72 1.05
CA ILE A 251 5.59 -22.43 0.33
C ILE A 251 5.53 -21.93 -1.11
N PRO A 252 5.91 -22.79 -2.07
CA PRO A 252 5.82 -22.40 -3.47
C PRO A 252 4.36 -22.35 -3.93
N VAL A 253 4.08 -21.65 -5.02
CA VAL A 253 2.69 -21.43 -5.44
C VAL A 253 1.87 -22.73 -5.65
N GLU A 254 2.50 -23.77 -6.19
CA GLU A 254 1.79 -25.02 -6.42
C GLU A 254 1.23 -25.56 -5.11
N GLU A 255 2.06 -25.49 -4.08
CA GLU A 255 1.66 -26.00 -2.78
C GLU A 255 0.62 -25.09 -2.12
N LEU A 256 0.74 -23.77 -2.36
CA LEU A 256 -0.24 -22.79 -1.84
C LEU A 256 -1.66 -23.09 -2.30
N PHE A 257 -1.85 -23.39 -3.60
CA PHE A 257 -3.16 -23.78 -4.13
C PHE A 257 -3.81 -24.87 -3.28
N SER A 258 -3.08 -25.95 -3.05
CA SER A 258 -3.71 -27.12 -2.43
C SER A 258 -3.87 -26.91 -0.93
N LEU A 259 -2.92 -26.20 -0.33
CA LEU A 259 -3.02 -25.83 1.08
C LEU A 259 -4.24 -24.93 1.33
N LEU A 260 -4.45 -23.95 0.45
CA LEU A 260 -5.67 -23.13 0.53
C LEU A 260 -6.94 -23.95 0.29
N ARG A 261 -6.92 -24.88 -0.67
CA ARG A 261 -8.08 -25.75 -0.81
C ARG A 261 -8.35 -26.55 0.46
N GLU A 262 -7.29 -26.92 1.19
CA GLU A 262 -7.48 -27.66 2.45
C GLU A 262 -7.83 -26.76 3.64
N GLY A 263 -7.80 -25.44 3.43
CA GLY A 263 -8.13 -24.49 4.48
C GLY A 263 -6.97 -24.09 5.38
N HIS A 264 -5.75 -24.33 4.90
CA HIS A 264 -4.52 -23.99 5.62
C HIS A 264 -4.48 -22.48 5.89
N ARG A 265 -3.90 -22.12 7.02
CA ARG A 265 -3.71 -20.73 7.42
C ARG A 265 -2.31 -20.59 7.99
N MET A 266 -1.72 -19.39 7.91
CA MET A 266 -0.41 -19.15 8.51
C MET A 266 -0.45 -19.32 10.03
N ASP A 267 0.68 -19.73 10.62
CA ASP A 267 0.84 -19.80 12.07
C ASP A 267 0.92 -18.42 12.71
N ARG A 268 0.64 -18.39 14.00
CA ARG A 268 0.86 -17.21 14.80
C ARG A 268 2.35 -16.88 14.78
N PRO A 269 2.72 -15.65 14.39
CA PRO A 269 4.15 -15.37 14.41
C PRO A 269 4.67 -15.08 15.83
N PRO A 270 5.98 -15.19 16.04
CA PRO A 270 6.59 -14.88 17.33
C PRO A 270 6.34 -13.44 17.78
N HIS A 271 6.27 -13.22 19.08
CA HIS A 271 6.15 -11.86 19.61
C HIS A 271 4.95 -11.13 19.03
N CYS A 272 3.89 -11.89 18.79
CA CYS A 272 2.63 -11.35 18.33
C CYS A 272 1.58 -11.75 19.34
N PRO A 273 0.86 -10.76 19.89
CA PRO A 273 -0.14 -11.06 20.93
C PRO A 273 -1.36 -11.71 20.33
N PRO A 274 -2.06 -12.53 21.13
CA PRO A 274 -3.16 -13.32 20.57
C PRO A 274 -4.26 -12.42 20.05
N GLU A 275 -4.38 -11.21 20.59
CA GLU A 275 -5.34 -10.24 20.05
C GLU A 275 -5.11 -10.02 18.55
N LEU A 276 -3.85 -9.94 18.15
CA LEU A 276 -3.59 -9.57 16.78
C LEU A 276 -3.60 -10.78 15.85
N TYR A 277 -3.14 -11.93 16.35
CA TYR A 277 -3.28 -13.16 15.53
C TYR A 277 -4.75 -13.53 15.44
N GLY A 278 -5.51 -13.14 16.46
CA GLY A 278 -6.96 -13.37 16.46
C GLY A 278 -7.62 -12.61 15.31
N LEU A 279 -7.32 -11.31 15.20
CA LEU A 279 -7.81 -10.51 14.06
C LEU A 279 -7.36 -11.05 12.69
N MET A 280 -6.14 -11.56 12.60
CA MET A 280 -5.67 -12.17 11.33
C MET A 280 -6.54 -13.35 10.94
N ARG A 281 -6.78 -14.26 11.89
CA ARG A 281 -7.58 -15.44 11.59
C ARG A 281 -9.00 -15.03 11.23
N GLU A 282 -9.53 -13.99 11.87
CA GLU A 282 -10.85 -13.49 11.49
C GLU A 282 -10.89 -13.00 10.04
N CYS A 283 -9.84 -12.29 9.63
CA CYS A 283 -9.74 -11.81 8.25
C CYS A 283 -9.68 -12.95 7.24
N TRP A 284 -9.20 -14.12 7.68
CA TRP A 284 -9.02 -15.25 6.76
C TRP A 284 -10.11 -16.32 6.92
N HIS A 285 -11.24 -15.97 7.54
CA HIS A 285 -12.39 -16.89 7.56
C HIS A 285 -12.79 -17.18 6.12
N ALA A 286 -13.16 -18.42 5.84
CA ALA A 286 -13.51 -18.86 4.48
C ALA A 286 -14.64 -18.03 3.89
N ALA A 287 -15.72 -17.88 4.66
CA ALA A 287 -16.87 -17.11 4.18
C ALA A 287 -16.63 -15.62 4.35
N PRO A 288 -16.74 -14.85 3.24
CA PRO A 288 -16.47 -13.41 3.30
C PRO A 288 -17.35 -12.66 4.31
N SER A 289 -18.58 -13.11 4.53
CA SER A 289 -19.47 -12.47 5.49
C SER A 289 -19.05 -12.77 6.93
N GLN A 290 -18.14 -13.72 7.09
CA GLN A 290 -17.63 -14.05 8.42
C GLN A 290 -16.29 -13.37 8.76
N ARG A 291 -15.81 -12.54 7.85
CA ARG A 291 -14.66 -11.69 8.11
C ARG A 291 -15.15 -10.36 8.65
N PRO A 292 -14.35 -9.69 9.51
CA PRO A 292 -14.71 -8.34 9.91
C PRO A 292 -14.85 -7.40 8.72
N THR A 293 -15.63 -6.33 8.89
CA THR A 293 -15.63 -5.24 7.94
C THR A 293 -14.44 -4.32 8.28
N PHE A 294 -14.07 -3.40 7.37
CA PHE A 294 -12.99 -2.47 7.73
C PHE A 294 -13.40 -1.58 8.91
N LYS A 295 -14.67 -1.20 8.96
CA LYS A 295 -15.20 -0.43 10.10
C LYS A 295 -14.97 -1.17 11.43
N GLN A 296 -15.25 -2.47 11.43
CA GLN A 296 -15.01 -3.28 12.63
C GLN A 296 -13.50 -3.40 12.93
N LEU A 297 -12.67 -3.46 11.90
CA LEU A 297 -11.23 -3.59 12.09
C LEU A 297 -10.65 -2.29 12.68
N VAL A 298 -11.11 -1.15 12.19
CA VAL A 298 -10.70 0.15 12.73
C VAL A 298 -11.05 0.21 14.22
N GLU A 299 -12.28 -0.14 14.55
CA GLU A 299 -12.74 -0.15 15.94
C GLU A 299 -11.94 -1.09 16.83
N ALA A 300 -11.67 -2.30 16.34
CA ALA A 300 -10.94 -3.29 17.14
C ALA A 300 -9.51 -2.85 17.35
N LEU A 301 -8.88 -2.35 16.27
CA LEU A 301 -7.51 -1.90 16.41
C LEU A 301 -7.45 -0.64 17.27
N ASP A 302 -8.48 0.20 17.19
CA ASP A 302 -8.53 1.41 18.01
C ASP A 302 -8.54 1.06 19.50
N LYS A 303 -9.25 -0.02 19.84
CA LYS A 303 -9.30 -0.45 21.24
C LYS A 303 -7.92 -0.90 21.73
N VAL A 304 -7.20 -1.63 20.90
CA VAL A 304 -5.87 -2.08 21.26
C VAL A 304 -4.92 -0.87 21.34
N LEU A 305 -5.01 0.01 20.35
CA LEU A 305 -4.16 1.21 20.36
C LEU A 305 -4.40 2.06 21.60
N LEU A 306 -5.66 2.26 21.99
CA LEU A 306 -5.93 3.09 23.16
C LEU A 306 -5.46 2.39 24.43
N ALA A 307 -5.69 1.10 24.49
CA ALA A 307 -5.25 0.30 25.63
C ALA A 307 -3.73 0.35 25.89
N VAL A 308 -2.94 0.67 24.87
CA VAL A 308 -1.48 0.54 24.99
C VAL A 308 -0.76 1.86 24.79
N SER A 309 -1.52 2.95 24.66
CA SER A 309 -0.95 4.28 24.54
C SER A 309 -1.32 5.16 25.74
#